data_6F9M
#
_entry.id   6F9M
#
_cell.length_a   70.170
_cell.length_b   85.180
_cell.length_c   104.580
_cell.angle_alpha   90.000
_cell.angle_beta   90.000
_cell.angle_gamma   90.000
#
_symmetry.space_group_name_H-M   'P 21 21 21'
#
loop_
_entity.id
_entity.type
_entity.pdbx_description
1 polymer 'Serine protease'
2 non-polymer 'TRIETHYLENE GLYCOL'
3 non-polymer 'SODIUM ION'
4 non-polymer 'ACETATE ION'
5 water water
#
_entity_poly.entity_id   1
_entity_poly.type   'polypeptide(L)'
_entity_poly.pdbx_seq_one_letter_code
;MKNIHLIPYRVEQVTAAPPRIPEGVRMIQAPELWESAEHGKGNVVAVLDTGCQTDHPDLTARIAGGRNFTHDDGGDPERF
EDYNGHGTHVAGTVAASLRDEEGVVGVAPLADLLVVKVLDKEGSGSYEGIIAGIHYAIDWRGPEGQKTTVISMSLGGPED
HPELYEAVKRAVDAGIPVICAAGNEGDDAHDTDEFAYPGAYGEVIQVGAVDFDRRIAPFSNTNNEIDLVAPGINIYSTYL
EGKYASLSGTSMATPHVSGALALIRNISEREFDRELTEAELYAQLVRRTIPLGYPKTAEGNGLLALDILNKFEQLFKILS
NSYANGLDRA
;
_entity_poly.pdbx_strand_id   A,B
#
# COMPACT_ATOMS: atom_id res chain seq x y z
N ASN A 3 -1.65 28.70 11.83
CA ASN A 3 -0.41 28.16 12.39
C ASN A 3 -0.54 26.66 12.66
N ILE A 4 0.58 25.96 12.69
CA ILE A 4 0.63 24.53 13.02
C ILE A 4 1.11 24.37 14.46
N HIS A 5 0.55 23.38 15.15
CA HIS A 5 0.91 23.13 16.55
C HIS A 5 1.02 21.63 16.81
N LEU A 6 1.78 21.30 17.86
CA LEU A 6 1.81 19.93 18.38
C LEU A 6 0.41 19.47 18.74
N ILE A 7 0.13 18.20 18.46
CA ILE A 7 -1.08 17.58 19.01
C ILE A 7 -0.96 17.55 20.53
N PRO A 8 -1.99 17.93 21.29
CA PRO A 8 -1.83 17.98 22.74
C PRO A 8 -1.48 16.62 23.33
N TYR A 9 -0.71 16.67 24.39
CA TYR A 9 -0.24 15.49 25.09
C TYR A 9 -0.03 15.90 26.54
N ARG A 10 0.21 14.90 27.41
CA ARG A 10 0.42 15.13 28.83
C ARG A 10 1.81 14.63 29.23
N VAL A 11 2.50 15.43 30.05
CA VAL A 11 3.75 15.01 30.68
C VAL A 11 3.41 14.41 32.05
N GLU A 12 3.64 13.09 32.20
CA GLU A 12 3.24 12.42 33.43
C GLU A 12 4.32 12.49 34.52
N GLN A 13 5.60 12.33 34.16
CA GLN A 13 6.68 12.28 35.14
C GLN A 13 7.99 12.53 34.42
N VAL A 14 8.94 13.19 35.09
CA VAL A 14 10.31 13.34 34.64
C VAL A 14 11.19 12.59 35.63
N THR A 15 12.14 11.81 35.12
CA THR A 15 12.91 10.91 35.98
C THR A 15 14.32 10.76 35.44
N ALA A 16 15.26 10.48 36.36
CA ALA A 16 16.60 10.06 36.00
C ALA A 16 16.77 8.55 36.13
N ALA A 17 15.70 7.80 36.37
CA ALA A 17 15.75 6.35 36.56
C ALA A 17 14.76 5.68 35.60
N PRO A 18 15.08 5.65 34.32
CA PRO A 18 14.10 5.15 33.34
C PRO A 18 14.16 3.65 33.21
N PRO A 19 13.17 3.06 32.54
CA PRO A 19 13.27 1.66 32.14
C PRO A 19 14.37 1.47 31.11
N ARG A 20 14.90 0.25 31.06
CA ARG A 20 15.83 -0.07 29.98
C ARG A 20 15.09 -0.28 28.66
N ILE A 21 14.12 -1.19 28.64
CA ILE A 21 13.26 -1.38 27.46
C ILE A 21 11.86 -0.91 27.80
N PRO A 22 11.45 0.27 27.33
CA PRO A 22 10.10 0.75 27.60
C PRO A 22 9.05 -0.25 27.10
N GLU A 23 7.93 -0.33 27.82
CA GLU A 23 6.94 -1.36 27.52
C GLU A 23 6.35 -1.22 26.11
N GLY A 24 6.21 -0.01 25.59
CA GLY A 24 5.67 0.15 24.25
C GLY A 24 6.54 -0.51 23.20
N VAL A 25 7.86 -0.36 23.33
CA VAL A 25 8.80 -1.03 22.45
C VAL A 25 8.61 -2.54 22.50
N ARG A 26 8.45 -3.08 23.71
CA ARG A 26 8.18 -4.51 23.86
C ARG A 26 6.84 -4.91 23.28
N MET A 27 5.80 -4.12 23.56
CA MET A 27 4.44 -4.52 23.19
C MET A 27 4.29 -4.65 21.68
N ILE A 28 4.91 -3.74 20.93
CA ILE A 28 4.84 -3.83 19.47
C ILE A 28 5.74 -4.91 18.91
N GLN A 29 6.53 -5.58 19.75
CA GLN A 29 7.35 -6.72 19.37
C GLN A 29 8.58 -6.30 18.57
N ALA A 30 9.14 -5.13 18.88
CA ALA A 30 10.35 -4.68 18.20
C ALA A 30 11.54 -5.57 18.55
N PRO A 31 11.77 -5.92 19.82
CA PRO A 31 12.94 -6.77 20.11
C PRO A 31 12.96 -8.07 19.33
N GLU A 32 11.79 -8.63 19.02
CA GLU A 32 11.70 -9.86 18.24
C GLU A 32 12.25 -9.69 16.84
N LEU A 33 12.28 -8.46 16.32
CA LEU A 33 12.79 -8.18 14.98
C LEU A 33 14.23 -7.67 14.96
N TRP A 34 14.81 -7.34 16.12
CA TRP A 34 16.09 -6.63 16.13
C TRP A 34 17.20 -7.40 15.42
N GLU A 35 17.34 -8.70 15.66
CA GLU A 35 18.46 -9.38 15.03
C GLU A 35 18.29 -9.41 13.52
N SER A 36 17.09 -9.79 13.05
CA SER A 36 16.86 -9.90 11.62
C SER A 36 16.98 -8.54 10.94
N ALA A 37 16.54 -7.48 11.61
CA ALA A 37 16.55 -6.14 11.04
C ALA A 37 17.82 -5.37 11.35
N GLU A 38 18.81 -6.00 12.00
CA GLU A 38 20.02 -5.31 12.42
C GLU A 38 19.70 -4.02 13.18
N HIS A 39 18.68 -4.11 14.03
CA HIS A 39 18.29 -3.00 14.90
C HIS A 39 17.88 -1.75 14.13
N GLY A 40 17.57 -1.89 12.84
CA GLY A 40 17.19 -0.74 12.04
C GLY A 40 18.34 -0.01 11.38
N LYS A 41 19.55 -0.56 11.43
CA LYS A 41 20.70 0.01 10.75
C LYS A 41 20.38 0.28 9.29
N GLY A 42 20.90 1.39 8.76
CA GLY A 42 20.66 1.73 7.37
C GLY A 42 19.39 2.51 7.15
N ASN A 43 18.86 3.14 8.18
CA ASN A 43 17.70 4.01 8.09
C ASN A 43 18.02 5.34 8.72
N VAL A 44 17.37 6.38 8.22
CA VAL A 44 17.38 7.70 8.84
C VAL A 44 15.94 8.14 8.98
N VAL A 45 15.51 8.37 10.23
CA VAL A 45 14.16 8.85 10.49
C VAL A 45 14.23 10.35 10.72
N ALA A 46 13.54 11.11 9.87
CA ALA A 46 13.46 12.54 10.01
C ALA A 46 12.33 12.87 10.97
N VAL A 47 12.68 13.47 12.09
CA VAL A 47 11.74 13.81 13.16
C VAL A 47 11.45 15.30 13.02
N LEU A 48 10.24 15.62 12.58
CA LEU A 48 9.81 16.99 12.35
C LEU A 48 9.08 17.41 13.61
N ASP A 49 9.74 18.22 14.44
CA ASP A 49 9.24 18.45 15.78
C ASP A 49 9.93 19.68 16.37
N THR A 50 10.08 19.72 17.69
CA THR A 50 10.59 20.89 18.41
C THR A 50 12.11 20.92 18.52
N GLY A 51 12.82 20.07 17.76
CA GLY A 51 14.26 19.94 17.92
C GLY A 51 14.57 18.75 18.79
N CYS A 52 15.84 18.62 19.18
CA CYS A 52 16.27 17.46 19.95
C CYS A 52 17.46 17.86 20.81
N GLN A 53 17.55 17.29 22.00
CA GLN A 53 18.78 17.44 22.79
C GLN A 53 19.82 16.55 22.14
N THR A 54 20.71 17.13 21.32
CA THR A 54 21.58 16.31 20.50
C THR A 54 22.79 15.77 21.25
N ASP A 55 23.02 16.23 22.48
CA ASP A 55 24.01 15.62 23.35
C ASP A 55 23.38 14.75 24.44
N HIS A 56 22.13 14.36 24.29
CA HIS A 56 21.57 13.40 25.21
C HIS A 56 22.35 12.09 25.08
N PRO A 57 22.80 11.47 26.18
CA PRO A 57 23.60 10.25 26.04
C PRO A 57 22.95 9.16 25.21
N ASP A 58 21.62 9.06 25.26
CA ASP A 58 20.92 8.03 24.53
C ASP A 58 20.76 8.34 23.05
N LEU A 59 20.99 9.59 22.65
CA LEU A 59 20.71 10.01 21.28
C LEU A 59 21.93 10.48 20.52
N THR A 60 23.00 10.86 21.21
CA THR A 60 24.09 11.59 20.57
C THR A 60 24.73 10.79 19.45
N ALA A 61 24.87 9.48 19.61
CA ALA A 61 25.47 8.66 18.56
C ALA A 61 24.53 8.39 17.40
N ARG A 62 23.26 8.78 17.51
CA ARG A 62 22.25 8.54 16.49
C ARG A 62 22.04 9.72 15.57
N ILE A 63 22.50 10.92 15.94
CA ILE A 63 22.12 12.12 15.20
C ILE A 63 22.89 12.20 13.90
N ALA A 64 22.18 12.19 12.79
CA ALA A 64 22.78 12.30 11.46
C ALA A 64 22.95 13.74 11.02
N GLY A 65 22.14 14.63 11.59
CA GLY A 65 22.17 16.03 11.21
C GLY A 65 20.84 16.65 11.56
N GLY A 66 20.62 17.84 11.03
CA GLY A 66 19.38 18.53 11.28
C GLY A 66 19.43 19.95 10.74
N ARG A 67 18.29 20.62 10.88
CA ARG A 67 18.18 22.01 10.48
C ARG A 67 17.00 22.63 11.20
N ASN A 68 17.14 23.90 11.51
CA ASN A 68 16.13 24.70 12.21
C ASN A 68 15.39 25.60 11.23
N PHE A 69 14.07 25.50 11.26
CA PHE A 69 13.15 26.29 10.45
C PHE A 69 12.28 27.20 11.31
N THR A 70 12.62 27.37 12.59
CA THR A 70 11.83 28.16 13.52
C THR A 70 12.62 29.42 13.89
N HIS A 71 11.98 30.26 14.68
CA HIS A 71 12.64 31.44 15.21
C HIS A 71 13.30 31.20 16.55
N ASP A 72 13.30 29.96 17.07
CA ASP A 72 14.16 29.69 18.23
C ASP A 72 15.60 30.00 17.82
N ASP A 73 16.39 30.44 18.81
CA ASP A 73 17.80 30.77 18.59
C ASP A 73 17.97 31.77 17.43
N GLY A 74 17.04 32.71 17.35
CA GLY A 74 17.09 33.76 16.35
C GLY A 74 16.96 33.26 14.93
N GLY A 75 16.50 32.01 14.77
CA GLY A 75 16.38 31.46 13.44
C GLY A 75 17.64 30.87 12.87
N ASP A 76 18.69 30.70 13.67
CA ASP A 76 19.92 30.11 13.13
C ASP A 76 19.65 28.71 12.61
N PRO A 77 19.83 28.44 11.32
CA PRO A 77 19.46 27.11 10.80
C PRO A 77 20.26 25.97 11.40
N GLU A 78 21.44 26.24 11.96
CA GLU A 78 22.32 25.20 12.48
C GLU A 78 22.15 24.99 13.98
N ARG A 79 21.15 25.64 14.58
CA ARG A 79 20.84 25.47 16.01
C ARG A 79 19.47 24.81 16.09
N PHE A 80 19.45 23.53 16.46
CA PHE A 80 18.20 22.77 16.48
C PHE A 80 18.05 21.97 17.77
N GLU A 81 18.57 22.50 18.87
CA GLU A 81 18.33 21.89 20.17
C GLU A 81 16.87 22.07 20.57
N ASP A 82 16.46 21.29 21.56
CA ASP A 82 15.08 21.24 22.03
C ASP A 82 14.95 22.06 23.30
N TYR A 83 14.01 23.00 23.32
CA TYR A 83 13.66 23.75 24.52
C TYR A 83 12.29 23.36 25.04
N ASN A 84 11.61 22.42 24.38
CA ASN A 84 10.27 21.98 24.75
C ASN A 84 10.28 20.63 25.45
N GLY A 85 10.99 19.65 24.87
CA GLY A 85 11.08 18.31 25.37
C GLY A 85 10.39 17.29 24.47
N HIS A 86 9.33 17.71 23.78
CA HIS A 86 8.56 16.76 22.99
C HIS A 86 9.38 16.12 21.89
N GLY A 87 10.17 16.93 21.17
CA GLY A 87 10.98 16.39 20.09
C GLY A 87 12.02 15.40 20.57
N THR A 88 12.61 15.67 21.74
CA THR A 88 13.57 14.74 22.33
C THR A 88 12.90 13.42 22.70
N HIS A 89 11.68 13.50 23.22
CA HIS A 89 10.94 12.31 23.61
C HIS A 89 10.62 11.45 22.39
N VAL A 90 10.12 12.07 21.33
CA VAL A 90 9.82 11.35 20.09
C VAL A 90 11.07 10.63 19.59
N ALA A 91 12.18 11.37 19.54
CA ALA A 91 13.42 10.82 19.02
C ALA A 91 13.83 9.57 19.77
N GLY A 92 13.67 9.57 21.08
CA GLY A 92 14.08 8.42 21.85
C GLY A 92 13.20 7.20 21.65
N THR A 93 11.92 7.39 21.38
CA THR A 93 11.09 6.24 21.07
C THR A 93 11.48 5.63 19.73
N VAL A 94 11.83 6.48 18.76
CA VAL A 94 12.27 5.99 17.47
C VAL A 94 13.56 5.18 17.60
N ALA A 95 14.57 5.74 18.29
CA ALA A 95 15.92 5.23 18.10
C ALA A 95 16.88 5.48 19.25
N ALA A 96 16.43 5.62 20.49
CA ALA A 96 17.41 5.68 21.58
C ALA A 96 18.35 4.48 21.53
N SER A 97 19.64 4.75 21.76
CA SER A 97 20.67 3.74 21.54
C SER A 97 20.59 2.64 22.58
N LEU A 98 21.02 1.44 22.17
CA LEU A 98 21.15 0.32 23.08
C LEU A 98 22.51 0.43 23.75
N ARG A 99 22.53 0.79 25.03
CA ARG A 99 23.76 1.03 25.76
C ARG A 99 23.85 0.06 26.92
N ASP A 100 25.07 -0.28 27.30
CA ASP A 100 25.29 -1.11 28.49
C ASP A 100 24.84 -0.37 29.74
N GLU A 101 25.43 0.81 29.99
CA GLU A 101 24.95 1.71 31.01
C GLU A 101 23.44 1.89 30.85
N GLU A 102 22.80 2.54 31.81
CA GLU A 102 21.35 2.71 31.83
C GLU A 102 20.84 3.38 30.55
N GLY A 103 19.81 4.18 30.67
CA GLY A 103 19.18 4.75 29.51
C GLY A 103 18.11 3.84 28.93
N VAL A 104 17.29 4.44 28.09
CA VAL A 104 16.21 3.73 27.42
C VAL A 104 16.72 3.25 26.07
N VAL A 105 15.96 2.38 25.42
N VAL A 105 15.93 2.43 25.42
CA VAL A 105 16.26 1.94 24.07
CA VAL A 105 16.21 1.92 24.08
C VAL A 105 15.01 2.16 23.22
C VAL A 105 14.99 2.17 23.22
N GLY A 106 15.22 2.58 21.97
CA GLY A 106 14.13 2.81 21.06
C GLY A 106 13.76 1.60 20.24
N VAL A 107 12.78 1.81 19.36
CA VAL A 107 12.30 0.75 18.47
C VAL A 107 13.38 0.30 17.52
N ALA A 108 14.19 1.25 17.02
CA ALA A 108 15.19 0.99 15.99
C ALA A 108 16.51 1.60 16.45
N PRO A 109 17.21 0.96 17.39
CA PRO A 109 18.32 1.64 18.07
C PRO A 109 19.59 1.80 17.25
N LEU A 110 19.66 1.24 16.03
CA LEU A 110 20.75 1.57 15.13
C LEU A 110 20.29 2.41 13.95
N ALA A 111 19.01 2.80 13.89
CA ALA A 111 18.61 3.83 12.94
C ALA A 111 19.20 5.16 13.38
N ASP A 112 19.44 6.04 12.42
CA ASP A 112 19.89 7.39 12.73
C ASP A 112 18.73 8.37 12.62
N LEU A 113 18.93 9.57 13.16
CA LEU A 113 17.89 10.57 13.30
C LEU A 113 18.30 11.86 12.59
N LEU A 114 17.38 12.41 11.82
CA LEU A 114 17.55 13.72 11.21
C LEU A 114 16.62 14.67 11.96
N VAL A 115 17.18 15.67 12.63
CA VAL A 115 16.43 16.54 13.52
C VAL A 115 15.93 17.72 12.69
N VAL A 116 14.65 17.69 12.32
CA VAL A 116 14.10 18.70 11.44
C VAL A 116 13.21 19.57 12.33
N LYS A 117 13.78 20.68 12.81
CA LYS A 117 13.13 21.47 13.83
C LYS A 117 12.18 22.43 13.14
N VAL A 118 10.89 22.11 13.20
CA VAL A 118 9.85 22.91 12.55
C VAL A 118 8.88 23.52 13.54
N LEU A 119 9.00 23.20 14.82
CA LEU A 119 8.18 23.75 15.88
C LEU A 119 9.09 24.39 16.90
N ASP A 120 8.64 25.53 17.42
CA ASP A 120 9.41 26.31 18.38
C ASP A 120 9.22 25.77 19.80
N LYS A 121 9.78 26.50 20.78
CA LYS A 121 9.74 26.08 22.17
C LYS A 121 8.31 25.87 22.66
N GLU A 122 7.35 26.62 22.12
CA GLU A 122 5.96 26.50 22.50
C GLU A 122 5.21 25.44 21.70
N GLY A 123 5.88 24.73 20.80
CA GLY A 123 5.22 23.74 19.99
C GLY A 123 4.49 24.29 18.78
N SER A 124 4.87 25.47 18.30
CA SER A 124 4.17 26.16 17.24
C SER A 124 5.10 26.38 16.04
N GLY A 125 4.53 26.36 14.84
CA GLY A 125 5.31 26.63 13.65
C GLY A 125 4.44 27.05 12.50
N SER A 126 5.09 27.60 11.47
CA SER A 126 4.37 28.07 10.29
C SER A 126 4.18 26.94 9.28
N TYR A 127 3.16 27.09 8.44
CA TYR A 127 3.01 26.13 7.34
C TYR A 127 4.25 26.12 6.47
N GLU A 128 4.81 27.31 6.21
CA GLU A 128 5.99 27.41 5.36
C GLU A 128 7.16 26.64 5.96
N GLY A 129 7.31 26.67 7.28
CA GLY A 129 8.40 25.94 7.91
C GLY A 129 8.24 24.44 7.86
N ILE A 130 7.01 23.94 8.05
CA ILE A 130 6.78 22.50 7.91
C ILE A 130 7.05 22.08 6.47
N ILE A 131 6.58 22.87 5.50
CA ILE A 131 6.82 22.55 4.10
C ILE A 131 8.31 22.49 3.83
N ALA A 132 9.05 23.51 4.28
CA ALA A 132 10.49 23.52 4.06
C ALA A 132 11.16 22.36 4.76
N GLY A 133 10.70 21.99 5.94
CA GLY A 133 11.27 20.85 6.64
C GLY A 133 11.05 19.53 5.91
N ILE A 134 9.87 19.35 5.31
CA ILE A 134 9.64 18.13 4.53
C ILE A 134 10.58 18.07 3.33
N HIS A 135 10.70 19.17 2.58
CA HIS A 135 11.60 19.14 1.43
C HIS A 135 13.05 18.92 1.87
N TYR A 136 13.45 19.55 2.98
CA TYR A 136 14.78 19.31 3.51
C TYR A 136 15.01 17.84 3.79
N ALA A 137 14.04 17.18 4.41
CA ALA A 137 14.15 15.76 4.71
C ALA A 137 14.26 14.92 3.45
N ILE A 138 13.50 15.27 2.40
CA ILE A 138 13.55 14.53 1.14
C ILE A 138 14.91 14.70 0.50
N ASP A 139 15.47 15.90 0.55
CA ASP A 139 16.69 16.23 -0.19
C ASP A 139 17.97 15.93 0.57
N TRP A 140 17.90 15.71 1.87
CA TRP A 140 19.09 15.51 2.67
C TRP A 140 19.86 14.27 2.21
N ARG A 141 21.18 14.37 2.18
CA ARG A 141 22.04 13.23 1.90
C ARG A 141 23.18 13.20 2.90
N GLY A 142 23.46 12.02 3.43
CA GLY A 142 24.56 11.84 4.33
C GLY A 142 25.87 11.60 3.63
N PRO A 143 26.92 11.44 4.43
CA PRO A 143 28.29 11.43 3.89
C PRO A 143 28.65 10.17 3.14
N GLU A 144 27.92 9.07 3.34
CA GLU A 144 28.06 7.84 2.57
C GLU A 144 26.76 7.48 1.90
N GLY A 145 26.01 8.50 1.48
CA GLY A 145 24.80 8.31 0.70
C GLY A 145 23.56 7.97 1.50
N GLN A 146 23.61 8.06 2.82
CA GLN A 146 22.41 7.89 3.61
C GLN A 146 21.33 8.85 3.16
N LYS A 147 20.08 8.43 3.32
CA LYS A 147 18.95 9.30 3.03
C LYS A 147 17.83 9.05 4.04
N THR A 148 16.94 10.02 4.14
CA THR A 148 15.75 9.83 4.96
C THR A 148 14.96 8.66 4.44
N THR A 149 14.57 7.77 5.35
CA THR A 149 13.73 6.64 4.99
C THR A 149 12.33 6.69 5.60
N VAL A 150 12.11 7.54 6.62
CA VAL A 150 10.80 7.74 7.23
C VAL A 150 10.74 9.18 7.70
N ILE A 151 9.58 9.82 7.55
CA ILE A 151 9.30 11.15 8.10
C ILE A 151 8.25 11.00 9.17
N SER A 152 8.49 11.61 10.34
CA SER A 152 7.64 11.44 11.51
C SER A 152 7.20 12.80 12.05
N MET A 153 5.88 12.99 12.20
CA MET A 153 5.28 14.24 12.64
C MET A 153 4.20 13.99 13.69
N SER A 154 4.03 14.95 14.58
CA SER A 154 3.06 14.89 15.67
C SER A 154 2.34 16.24 15.78
N LEU A 155 1.86 16.77 14.65
CA LEU A 155 1.46 18.18 14.57
C LEU A 155 0.29 18.33 13.60
N GLY A 156 -0.34 19.51 13.63
CA GLY A 156 -1.41 19.78 12.70
C GLY A 156 -1.85 21.22 12.72
N GLY A 157 -2.49 21.63 11.62
CA GLY A 157 -3.16 22.91 11.52
C GLY A 157 -4.43 22.76 10.72
N PRO A 158 -5.30 23.77 10.78
CA PRO A 158 -6.64 23.63 10.15
C PRO A 158 -6.69 23.89 8.66
N GLU A 159 -5.68 24.52 8.08
CA GLU A 159 -5.73 24.98 6.69
C GLU A 159 -5.08 23.96 5.75
N ASP A 160 -5.69 23.79 4.59
CA ASP A 160 -5.21 22.91 3.52
C ASP A 160 -4.41 23.77 2.55
N HIS A 161 -3.09 23.78 2.70
CA HIS A 161 -2.21 24.50 1.80
C HIS A 161 -1.75 23.54 0.71
N PRO A 162 -2.02 23.81 -0.56
CA PRO A 162 -1.58 22.86 -1.60
C PRO A 162 -0.09 22.60 -1.58
N GLU A 163 0.72 23.56 -1.13
CA GLU A 163 2.17 23.37 -1.04
C GLU A 163 2.53 22.29 -0.02
N LEU A 164 1.73 22.15 1.03
CA LEU A 164 2.00 21.09 2.00
C LEU A 164 1.56 19.75 1.46
N TYR A 165 0.40 19.68 0.81
CA TYR A 165 0.03 18.45 0.13
C TYR A 165 1.12 18.02 -0.85
N GLU A 166 1.64 18.97 -1.64
CA GLU A 166 2.63 18.62 -2.65
C GLU A 166 3.90 18.11 -2.00
N ALA A 167 4.29 18.68 -0.86
CA ALA A 167 5.49 18.21 -0.18
C ALA A 167 5.32 16.77 0.29
N VAL A 168 4.16 16.46 0.89
CA VAL A 168 3.88 15.10 1.33
C VAL A 168 3.89 14.14 0.15
N LYS A 169 3.22 14.53 -0.93
CA LYS A 169 3.19 13.68 -2.13
C LYS A 169 4.60 13.45 -2.68
N ARG A 170 5.42 14.49 -2.68
CA ARG A 170 6.80 14.33 -3.14
C ARG A 170 7.53 13.31 -2.27
N ALA A 171 7.31 13.35 -0.97
CA ALA A 171 7.99 12.41 -0.07
C ALA A 171 7.57 10.98 -0.36
N VAL A 172 6.25 10.71 -0.47
CA VAL A 172 5.85 9.32 -0.70
C VAL A 172 6.29 8.86 -2.07
N ASP A 173 6.30 9.77 -3.06
CA ASP A 173 6.75 9.39 -4.39
C ASP A 173 8.23 9.08 -4.40
N ALA A 174 8.99 9.67 -3.47
CA ALA A 174 10.40 9.36 -3.30
C ALA A 174 10.63 8.09 -2.47
N GLY A 175 9.57 7.40 -2.07
CA GLY A 175 9.67 6.15 -1.33
C GLY A 175 9.64 6.30 0.16
N ILE A 176 9.29 7.46 0.70
CA ILE A 176 9.42 7.79 2.12
C ILE A 176 8.04 7.78 2.74
N PRO A 177 7.72 6.87 3.68
CA PRO A 177 6.49 6.98 4.46
C PRO A 177 6.47 8.26 5.28
N VAL A 178 5.29 8.89 5.34
CA VAL A 178 5.07 10.12 6.09
C VAL A 178 4.06 9.78 7.16
N ILE A 179 4.49 9.81 8.43
CA ILE A 179 3.69 9.38 9.56
C ILE A 179 3.25 10.61 10.33
N CYS A 180 1.98 10.64 10.73
CA CYS A 180 1.49 11.73 11.57
C CYS A 180 0.52 11.21 12.61
N ALA A 181 0.60 11.79 13.80
CA ALA A 181 -0.34 11.47 14.86
C ALA A 181 -1.75 11.87 14.49
N ALA A 182 -2.72 11.06 14.92
CA ALA A 182 -4.12 11.46 14.89
C ALA A 182 -4.37 12.55 15.91
N GLY A 183 -5.43 13.31 15.69
CA GLY A 183 -5.83 14.34 16.63
C GLY A 183 -6.24 13.81 17.99
N THR A 192 -12.89 22.44 15.46
CA THR A 192 -12.89 21.01 15.75
C THR A 192 -11.81 20.31 14.94
N ASP A 193 -11.48 20.88 13.79
CA ASP A 193 -10.42 20.35 12.92
C ASP A 193 -9.14 21.16 13.04
N GLU A 194 -8.78 21.61 14.24
CA GLU A 194 -7.64 22.52 14.35
C GLU A 194 -6.31 21.82 14.07
N PHE A 195 -6.27 20.48 14.06
CA PHE A 195 -5.05 19.72 13.76
C PHE A 195 -5.21 18.87 12.50
N ALA A 196 -6.09 19.26 11.60
CA ALA A 196 -6.50 18.38 10.51
C ALA A 196 -5.35 18.02 9.58
N TYR A 197 -4.53 19.00 9.20
CA TYR A 197 -3.51 18.78 8.18
C TYR A 197 -2.12 18.82 8.81
N PRO A 198 -1.18 18.00 8.34
CA PRO A 198 -1.26 17.15 7.14
C PRO A 198 -1.85 15.76 7.36
N GLY A 199 -2.28 15.44 8.59
CA GLY A 199 -2.78 14.10 8.85
C GLY A 199 -3.91 13.67 7.94
N ALA A 200 -4.73 14.63 7.48
CA ALA A 200 -5.90 14.32 6.66
C ALA A 200 -5.57 13.92 5.22
N TYR A 201 -4.38 14.23 4.73
CA TYR A 201 -4.04 13.86 3.37
C TYR A 201 -4.00 12.35 3.23
N GLY A 202 -4.53 11.85 2.10
CA GLY A 202 -4.62 10.42 1.91
C GLY A 202 -3.29 9.72 2.01
N GLU A 203 -2.22 10.37 1.57
CA GLU A 203 -0.91 9.74 1.52
C GLU A 203 -0.27 9.58 2.90
N VAL A 204 -0.73 10.30 3.91
CA VAL A 204 -0.10 10.28 5.23
C VAL A 204 -0.62 9.09 6.01
N ILE A 205 0.27 8.41 6.72
CA ILE A 205 -0.10 7.33 7.63
C ILE A 205 -0.44 7.94 8.98
N GLN A 206 -1.70 7.83 9.40
CA GLN A 206 -2.19 8.48 10.60
C GLN A 206 -2.35 7.45 11.70
N VAL A 207 -1.78 7.73 12.87
CA VAL A 207 -1.62 6.76 13.94
C VAL A 207 -2.42 7.18 15.16
N GLY A 208 -3.25 6.26 15.66
CA GLY A 208 -3.93 6.44 16.92
C GLY A 208 -3.25 5.68 18.05
N ALA A 209 -3.82 5.79 19.26
CA ALA A 209 -3.17 5.30 20.47
C ALA A 209 -4.02 4.32 21.24
N VAL A 210 -3.33 3.36 21.88
CA VAL A 210 -3.90 2.46 22.88
C VAL A 210 -3.07 2.52 24.14
N ASP A 211 -3.62 1.95 25.23
CA ASP A 211 -2.85 1.73 26.45
C ASP A 211 -2.31 0.31 26.45
N PHE A 212 -1.70 -0.10 27.55
CA PHE A 212 -1.09 -1.41 27.59
C PHE A 212 -2.10 -2.53 27.85
N ASP A 213 -3.37 -2.18 28.01
CA ASP A 213 -4.46 -3.15 28.09
C ASP A 213 -5.22 -3.23 26.77
N ARG A 214 -4.65 -2.71 25.68
CA ARG A 214 -5.23 -2.83 24.35
C ARG A 214 -6.53 -2.07 24.21
N ARG A 215 -6.71 -0.99 24.97
CA ARG A 215 -7.90 -0.19 24.90
C ARG A 215 -7.58 1.16 24.26
N ILE A 216 -8.47 1.66 23.43
CA ILE A 216 -8.27 2.96 22.81
C ILE A 216 -8.25 4.03 23.89
N ASN A 224 -11.05 11.84 12.51
CA ASN A 224 -9.78 11.23 12.12
C ASN A 224 -9.95 10.18 11.01
N GLU A 225 -8.84 9.84 10.35
CA GLU A 225 -8.79 8.79 9.33
C GLU A 225 -7.63 7.88 9.72
N ILE A 226 -7.88 6.98 10.64
CA ILE A 226 -6.85 6.17 11.29
C ILE A 226 -6.37 5.07 10.35
N ASP A 227 -5.05 4.86 10.31
CA ASP A 227 -4.49 3.69 9.64
C ASP A 227 -4.19 2.54 10.58
N LEU A 228 -3.74 2.81 11.80
CA LEU A 228 -3.45 1.77 12.79
C LEU A 228 -3.22 2.48 14.11
N VAL A 229 -3.04 1.69 15.17
CA VAL A 229 -2.79 2.21 16.51
C VAL A 229 -1.53 1.57 17.09
N ALA A 230 -0.97 2.27 18.09
CA ALA A 230 0.22 1.82 18.78
C ALA A 230 0.17 2.37 20.20
N PRO A 231 1.04 1.90 21.08
CA PRO A 231 0.97 2.36 22.48
C PRO A 231 1.25 3.85 22.61
N GLY A 232 0.39 4.52 23.38
CA GLY A 232 0.53 5.96 23.55
C GLY A 232 0.34 6.47 24.97
N ILE A 233 0.17 5.58 25.93
CA ILE A 233 -0.13 5.98 27.31
C ILE A 233 1.03 5.64 28.23
N ASN A 234 1.49 6.62 29.00
N ASN A 234 1.54 6.65 28.93
CA ASN A 234 2.63 6.48 29.92
CA ASN A 234 2.59 6.48 29.90
C ASN A 234 3.84 5.88 29.19
C ASN A 234 3.84 5.89 29.22
N ILE A 235 4.24 6.54 28.12
CA ILE A 235 5.38 6.12 27.33
C ILE A 235 6.64 6.80 27.85
N TYR A 236 7.59 6.01 28.34
CA TYR A 236 8.86 6.53 28.80
C TYR A 236 9.83 6.65 27.63
N SER A 237 10.53 7.78 27.59
CA SER A 237 11.55 8.03 26.58
C SER A 237 12.49 9.10 27.12
N THR A 238 13.42 9.52 26.27
CA THR A 238 14.38 10.57 26.57
C THR A 238 13.65 11.91 26.74
N TYR A 239 14.28 12.82 27.50
CA TYR A 239 13.73 14.14 27.73
C TYR A 239 14.88 15.12 27.97
N LEU A 240 14.51 16.36 28.26
CA LEU A 240 15.50 17.43 28.38
C LEU A 240 16.49 17.19 29.51
N GLU A 241 17.63 17.85 29.38
CA GLU A 241 18.65 17.87 30.43
C GLU A 241 19.21 16.49 30.71
N GLY A 242 19.20 15.62 29.71
CA GLY A 242 19.73 14.28 29.89
C GLY A 242 18.86 13.39 30.75
N LYS A 243 17.61 13.77 30.96
CA LYS A 243 16.68 13.01 31.77
C LYS A 243 15.74 12.21 30.86
N TYR A 244 14.65 11.73 31.45
CA TYR A 244 13.69 10.85 30.82
C TYR A 244 12.32 11.31 31.28
N ALA A 245 11.29 10.94 30.52
CA ALA A 245 9.95 11.35 30.93
C ALA A 245 8.94 10.36 30.38
N SER A 246 7.85 10.20 31.14
CA SER A 246 6.69 9.47 30.69
C SER A 246 5.68 10.49 30.16
N LEU A 247 5.25 10.32 28.91
CA LEU A 247 4.27 11.17 28.26
C LEU A 247 3.12 10.31 27.75
N SER A 248 1.97 10.94 27.44
N SER A 248 1.94 10.89 27.82
CA SER A 248 0.82 10.24 26.85
CA SER A 248 0.69 10.24 27.46
C SER A 248 0.24 11.00 25.65
C SER A 248 -0.06 11.20 26.56
N GLY A 249 -0.11 10.28 24.59
N GLY A 249 -0.49 10.69 25.42
CA GLY A 249 -0.82 10.90 23.47
CA GLY A 249 -1.20 11.47 24.44
C GLY A 249 -0.61 10.14 22.18
C GLY A 249 -1.36 10.59 23.23
N THR A 250 -1.45 10.50 21.18
N THR A 250 -2.30 10.95 22.36
CA THR A 250 -1.26 9.93 19.85
CA THR A 250 -2.46 10.19 21.13
C THR A 250 0.13 10.25 19.29
C THR A 250 -1.13 10.11 20.38
N SER A 251 0.73 11.37 19.72
N SER A 251 -0.34 11.19 20.41
CA SER A 251 2.08 11.70 19.28
CA SER A 251 0.82 11.28 19.54
C SER A 251 3.11 10.77 19.91
C SER A 251 2.03 10.47 20.01
N MET A 252 2.74 10.09 21.00
N MET A 252 2.07 9.98 21.25
CA MET A 252 3.57 9.03 21.54
CA MET A 252 3.20 9.15 21.67
C MET A 252 3.37 7.71 20.80
C MET A 252 3.28 7.83 20.89
N ALA A 253 2.17 7.43 20.26
CA ALA A 253 2.06 6.21 19.47
C ALA A 253 2.86 6.34 18.17
N THR A 254 2.88 7.53 17.58
CA THR A 254 3.45 7.74 16.25
C THR A 254 4.90 7.31 16.14
N PRO A 255 5.83 7.69 17.03
CA PRO A 255 7.21 7.25 16.85
C PRO A 255 7.40 5.76 16.95
N HIS A 256 6.49 5.02 17.62
CA HIS A 256 6.58 3.57 17.57
C HIS A 256 6.44 3.07 16.15
N VAL A 257 5.48 3.64 15.40
CA VAL A 257 5.28 3.29 14.00
C VAL A 257 6.48 3.72 13.15
N SER A 258 6.98 4.96 13.36
CA SER A 258 8.08 5.45 12.55
C SER A 258 9.33 4.59 12.74
N GLY A 259 9.68 4.26 13.97
CA GLY A 259 10.80 3.36 14.20
C GLY A 259 10.54 1.96 13.68
N ALA A 260 9.30 1.49 13.81
CA ALA A 260 8.98 0.15 13.33
C ALA A 260 9.22 0.05 11.84
N LEU A 261 8.95 1.13 11.10
CA LEU A 261 9.15 1.10 9.65
C LEU A 261 10.60 0.91 9.26
N ALA A 262 11.55 1.36 10.09
CA ALA A 262 12.96 1.06 9.82
C ALA A 262 13.21 -0.44 9.89
N LEU A 263 12.66 -1.10 10.92
CA LEU A 263 12.81 -2.54 11.04
C LEU A 263 12.15 -3.26 9.87
N ILE A 264 10.92 -2.85 9.53
CA ILE A 264 10.16 -3.48 8.46
C ILE A 264 10.87 -3.30 7.13
N ARG A 265 11.37 -2.10 6.88
CA ARG A 265 12.08 -1.85 5.64
C ARG A 265 13.26 -2.82 5.47
N ASN A 266 14.07 -2.96 6.51
CA ASN A 266 15.25 -3.80 6.43
C ASN A 266 14.87 -5.25 6.14
N ILE A 267 13.92 -5.78 6.91
CA ILE A 267 13.53 -7.19 6.75
C ILE A 267 12.88 -7.41 5.39
N SER A 268 11.97 -6.51 5.01
CA SER A 268 11.19 -6.72 3.80
C SER A 268 12.04 -6.58 2.55
N GLU A 269 12.95 -5.61 2.52
CA GLU A 269 13.78 -5.47 1.33
C GLU A 269 14.69 -6.68 1.16
N ARG A 270 15.14 -7.30 2.26
CA ARG A 270 15.91 -8.53 2.16
C ARG A 270 15.03 -9.70 1.70
N GLU A 271 13.85 -9.87 2.32
CA GLU A 271 13.01 -11.02 2.02
C GLU A 271 12.46 -10.96 0.59
N PHE A 272 11.98 -9.80 0.17
CA PHE A 272 11.51 -9.65 -1.21
C PHE A 272 12.65 -9.46 -2.19
N ASP A 273 13.86 -9.22 -1.70
CA ASP A 273 15.05 -9.03 -2.55
C ASP A 273 14.83 -7.90 -3.57
N ARG A 274 14.26 -6.80 -3.11
CA ARG A 274 14.09 -5.61 -3.94
C ARG A 274 13.87 -4.42 -3.03
N GLU A 275 14.09 -3.23 -3.60
CA GLU A 275 13.73 -2.00 -2.91
C GLU A 275 12.22 -1.87 -2.90
N LEU A 276 11.65 -1.54 -1.75
CA LEU A 276 10.20 -1.41 -1.62
C LEU A 276 9.75 0.02 -1.89
N THR A 277 8.61 0.16 -2.56
CA THR A 277 7.93 1.43 -2.68
C THR A 277 7.29 1.82 -1.34
N GLU A 278 6.89 3.09 -1.24
CA GLU A 278 6.17 3.52 -0.04
C GLU A 278 4.91 2.69 0.18
N ALA A 279 4.19 2.38 -0.89
CA ALA A 279 2.96 1.60 -0.73
C ALA A 279 3.24 0.22 -0.17
N GLU A 280 4.36 -0.38 -0.58
CA GLU A 280 4.72 -1.69 -0.03
C GLU A 280 5.14 -1.58 1.43
N LEU A 281 5.86 -0.52 1.80
CA LEU A 281 6.20 -0.34 3.20
C LEU A 281 4.94 -0.20 4.05
N TYR A 282 3.98 0.59 3.56
CA TYR A 282 2.71 0.75 4.26
C TYR A 282 2.00 -0.59 4.38
N ALA A 283 1.95 -1.37 3.30
CA ALA A 283 1.28 -2.66 3.35
C ALA A 283 1.94 -3.59 4.36
N GLN A 284 3.28 -3.59 4.40
CA GLN A 284 3.98 -4.47 5.34
C GLN A 284 3.72 -4.03 6.77
N LEU A 285 3.56 -2.72 7.00
CA LEU A 285 3.19 -2.21 8.31
C LEU A 285 1.80 -2.70 8.71
N VAL A 286 0.79 -2.50 7.86
CA VAL A 286 -0.57 -2.80 8.30
C VAL A 286 -0.85 -4.29 8.24
N ARG A 287 -0.04 -5.08 7.54
CA ARG A 287 -0.09 -6.54 7.67
C ARG A 287 0.28 -6.98 9.07
N ARG A 288 1.20 -6.25 9.71
CA ARG A 288 1.74 -6.61 11.01
C ARG A 288 0.91 -5.94 12.12
N THR A 289 -0.39 -6.27 12.11
CA THR A 289 -1.32 -5.74 13.10
C THR A 289 -2.19 -6.85 13.64
N ILE A 290 -2.86 -6.56 14.76
CA ILE A 290 -3.92 -7.42 15.27
C ILE A 290 -5.17 -6.60 15.52
N PRO A 291 -6.37 -7.13 15.25
CA PRO A 291 -7.58 -6.36 15.52
C PRO A 291 -7.85 -6.32 17.02
N LEU A 292 -8.46 -5.22 17.47
CA LEU A 292 -8.77 -5.05 18.88
C LEU A 292 -10.25 -5.12 19.19
N GLY A 293 -11.10 -5.30 18.18
CA GLY A 293 -12.53 -5.40 18.39
C GLY A 293 -13.29 -4.12 18.19
N TYR A 294 -12.61 -3.03 17.87
CA TYR A 294 -13.23 -1.75 17.57
C TYR A 294 -13.49 -1.62 16.08
N PRO A 295 -14.40 -0.74 15.66
CA PRO A 295 -14.59 -0.48 14.22
C PRO A 295 -13.31 0.05 13.60
N LYS A 296 -13.16 -0.20 12.29
CA LYS A 296 -11.99 0.29 11.58
C LYS A 296 -11.92 1.80 11.54
N THR A 297 -13.05 2.48 11.72
CA THR A 297 -13.02 3.93 11.86
C THR A 297 -12.34 4.36 13.15
N ALA A 298 -12.24 3.48 14.14
CA ALA A 298 -11.60 3.80 15.42
C ALA A 298 -10.18 3.27 15.56
N GLU A 299 -9.92 2.03 15.15
CA GLU A 299 -8.60 1.40 15.28
C GLU A 299 -7.88 1.26 13.96
N GLY A 300 -8.48 1.68 12.85
CA GLY A 300 -7.88 1.43 11.55
C GLY A 300 -7.67 -0.05 11.36
N ASN A 301 -6.47 -0.41 10.90
CA ASN A 301 -6.12 -1.81 10.66
C ASN A 301 -5.78 -2.57 11.93
N GLY A 302 -5.79 -1.93 13.08
CA GLY A 302 -5.53 -2.60 14.34
C GLY A 302 -4.24 -2.14 14.98
N LEU A 303 -3.82 -2.91 15.99
CA LEU A 303 -2.65 -2.62 16.81
C LEU A 303 -1.39 -3.19 16.18
N LEU A 304 -0.38 -2.35 16.06
CA LEU A 304 0.92 -2.80 15.56
C LEU A 304 1.44 -3.97 16.40
N ALA A 305 1.77 -5.06 15.73
CA ALA A 305 2.28 -6.28 16.37
C ALA A 305 3.27 -6.90 15.38
N LEU A 306 4.55 -6.53 15.54
CA LEU A 306 5.52 -6.74 14.46
C LEU A 306 5.80 -8.21 14.19
N ASP A 307 5.65 -9.08 15.19
CA ASP A 307 6.02 -10.49 15.05
C ASP A 307 4.78 -11.37 14.88
N ILE A 308 3.61 -10.77 14.57
CA ILE A 308 2.35 -11.51 14.59
C ILE A 308 2.37 -12.66 13.60
N LEU A 309 3.07 -12.50 12.48
CA LEU A 309 3.17 -13.56 11.47
C LEU A 309 3.94 -14.80 11.98
N ASN A 310 4.21 -14.84 13.29
CA ASN A 310 4.74 -16.03 13.96
C ASN A 310 3.95 -16.27 15.24
N ASN B 3 7.96 -4.51 -29.49
CA ASN B 3 6.54 -4.67 -29.27
C ASN B 3 6.21 -5.32 -27.92
N ILE B 4 4.93 -5.37 -27.61
CA ILE B 4 4.40 -5.96 -26.39
C ILE B 4 3.57 -7.19 -26.78
N HIS B 5 3.60 -8.21 -25.91
CA HIS B 5 2.93 -9.46 -26.21
C HIS B 5 2.29 -10.04 -24.97
N LEU B 6 1.23 -10.85 -25.18
CA LEU B 6 0.67 -11.64 -24.10
C LEU B 6 1.72 -12.56 -23.49
N ILE B 7 1.68 -12.67 -22.16
CA ILE B 7 2.41 -13.75 -21.50
C ILE B 7 1.89 -15.08 -22.03
N PRO B 8 2.76 -16.01 -22.44
CA PRO B 8 2.28 -17.24 -23.06
C PRO B 8 1.45 -18.09 -22.11
N TYR B 9 0.54 -18.86 -22.69
CA TYR B 9 -0.39 -19.70 -21.94
C TYR B 9 -0.78 -20.89 -22.82
N ARG B 10 -1.43 -21.87 -22.21
CA ARG B 10 -1.90 -23.06 -22.92
C ARG B 10 -3.41 -23.12 -22.84
N VAL B 11 -4.05 -23.48 -23.96
CA VAL B 11 -5.47 -23.78 -23.97
C VAL B 11 -5.62 -25.29 -23.71
N GLU B 12 -6.18 -25.63 -22.54
CA GLU B 12 -6.31 -27.03 -22.15
C GLU B 12 -7.52 -27.68 -22.82
N GLN B 13 -8.63 -26.94 -22.94
CA GLN B 13 -9.88 -27.52 -23.40
C GLN B 13 -10.85 -26.38 -23.69
N VAL B 14 -11.67 -26.58 -24.72
CA VAL B 14 -12.79 -25.70 -25.03
C VAL B 14 -14.05 -26.54 -24.88
N THR B 15 -15.09 -25.98 -24.25
CA THR B 15 -16.28 -26.76 -23.93
C THR B 15 -17.50 -25.85 -23.88
N ALA B 16 -18.66 -26.45 -24.11
N ALA B 16 -18.67 -26.48 -24.00
CA ALA B 16 -19.93 -25.83 -23.84
CA ALA B 16 -19.95 -25.81 -23.80
C ALA B 16 -20.47 -26.18 -22.46
C ALA B 16 -20.60 -26.18 -22.48
N ALA B 17 -19.83 -27.12 -21.78
N ALA B 17 -19.89 -26.89 -21.61
CA ALA B 17 -20.29 -27.54 -20.47
CA ALA B 17 -20.45 -27.37 -20.34
C ALA B 17 -20.02 -26.42 -19.49
C ALA B 17 -19.51 -26.99 -19.20
N PRO B 18 -21.03 -25.89 -18.82
N PRO B 18 -19.45 -25.71 -18.85
CA PRO B 18 -20.82 -24.79 -17.88
CA PRO B 18 -18.46 -25.24 -17.86
C PRO B 18 -20.01 -25.24 -16.68
C PRO B 18 -18.90 -25.52 -16.43
N PRO B 19 -18.86 -24.61 -16.41
N PRO B 19 -18.01 -25.35 -15.46
CA PRO B 19 -18.21 -24.84 -15.11
CA PRO B 19 -18.46 -25.27 -14.07
C PRO B 19 -18.70 -23.81 -14.11
C PRO B 19 -19.30 -24.02 -13.87
N ARG B 20 -19.79 -24.10 -13.39
N ARG B 20 -20.15 -24.05 -12.84
CA ARG B 20 -20.58 -23.06 -12.71
CA ARG B 20 -20.91 -22.84 -12.52
C ARG B 20 -19.67 -22.02 -12.05
C ARG B 20 -20.02 -21.82 -11.82
N ILE B 21 -19.29 -22.25 -10.80
CA ILE B 21 -18.37 -21.36 -10.12
C ILE B 21 -17.00 -22.02 -10.23
N PRO B 22 -16.10 -21.50 -11.04
CA PRO B 22 -14.81 -22.16 -11.23
C PRO B 22 -14.03 -22.26 -9.94
N GLU B 23 -13.17 -23.25 -9.88
CA GLU B 23 -12.45 -23.55 -8.65
C GLU B 23 -11.59 -22.37 -8.19
N GLY B 24 -11.02 -21.61 -9.12
CA GLY B 24 -10.18 -20.49 -8.72
C GLY B 24 -10.96 -19.41 -7.98
N VAL B 25 -12.17 -19.11 -8.45
CA VAL B 25 -13.05 -18.16 -7.78
C VAL B 25 -13.35 -18.64 -6.37
N ARG B 26 -13.60 -19.94 -6.21
CA ARG B 26 -13.86 -20.51 -4.89
C ARG B 26 -12.59 -20.54 -4.04
N MET B 27 -11.44 -20.89 -4.64
CA MET B 27 -10.20 -21.05 -3.90
C MET B 27 -9.80 -19.75 -3.21
N ILE B 28 -9.98 -18.63 -3.90
CA ILE B 28 -9.62 -17.32 -3.33
C ILE B 28 -10.69 -16.80 -2.40
N GLN B 29 -11.81 -17.50 -2.25
CA GLN B 29 -12.88 -17.16 -1.32
C GLN B 29 -13.66 -15.92 -1.75
N ALA B 30 -13.83 -15.73 -3.05
CA ALA B 30 -14.65 -14.61 -3.50
C ALA B 30 -16.10 -14.75 -3.10
N PRO B 31 -16.75 -15.92 -3.19
CA PRO B 31 -18.15 -16.00 -2.81
C PRO B 31 -18.39 -15.58 -1.37
N GLU B 32 -17.41 -15.81 -0.49
CA GLU B 32 -17.51 -15.44 0.91
C GLU B 32 -17.60 -13.93 1.10
N LEU B 33 -17.14 -13.14 0.11
CA LEU B 33 -17.20 -11.68 0.20
C LEU B 33 -18.35 -11.07 -0.59
N TRP B 34 -19.05 -11.85 -1.41
CA TRP B 34 -20.01 -11.26 -2.34
C TRP B 34 -21.09 -10.45 -1.63
N GLU B 35 -21.66 -10.96 -0.54
CA GLU B 35 -22.73 -10.20 0.11
C GLU B 35 -22.21 -8.86 0.63
N SER B 36 -21.10 -8.90 1.38
CA SER B 36 -20.54 -7.69 1.96
C SER B 36 -20.10 -6.70 0.89
N ALA B 37 -19.59 -7.19 -0.23
CA ALA B 37 -19.06 -6.36 -1.31
C ALA B 37 -20.08 -6.03 -2.39
N GLU B 38 -21.33 -6.41 -2.19
CA GLU B 38 -22.36 -6.25 -3.24
C GLU B 38 -21.88 -6.81 -4.56
N HIS B 39 -21.20 -7.95 -4.51
CA HIS B 39 -20.72 -8.65 -5.69
C HIS B 39 -19.79 -7.80 -6.55
N GLY B 40 -19.22 -6.73 -6.01
CA GLY B 40 -18.35 -5.87 -6.79
C GLY B 40 -19.02 -4.72 -7.51
N LYS B 41 -20.32 -4.52 -7.30
CA LYS B 41 -21.05 -3.42 -7.93
C LYS B 41 -20.35 -2.08 -7.73
N GLY B 42 -20.41 -1.22 -8.73
CA GLY B 42 -19.80 0.07 -8.64
C GLY B 42 -18.33 0.09 -8.98
N ASN B 43 -17.87 -0.90 -9.73
CA ASN B 43 -16.51 -0.96 -10.21
C ASN B 43 -16.51 -1.16 -11.72
N VAL B 44 -15.48 -0.63 -12.37
CA VAL B 44 -15.21 -0.94 -13.76
C VAL B 44 -13.77 -1.40 -13.86
N VAL B 45 -13.56 -2.62 -14.34
CA VAL B 45 -12.22 -3.15 -14.55
C VAL B 45 -11.88 -2.99 -16.03
N ALA B 46 -10.84 -2.22 -16.31
CA ALA B 46 -10.37 -2.03 -17.68
C ALA B 46 -9.44 -3.18 -18.04
N VAL B 47 -9.85 -3.96 -19.04
CA VAL B 47 -9.13 -5.15 -19.46
C VAL B 47 -8.39 -4.77 -20.75
N LEU B 48 -7.06 -4.65 -20.64
CA LEU B 48 -6.22 -4.25 -21.77
C LEU B 48 -5.72 -5.54 -22.39
N ASP B 49 -6.28 -5.92 -23.54
CA ASP B 49 -6.10 -7.28 -24.02
C ASP B 49 -6.53 -7.38 -25.49
N THR B 50 -6.96 -8.58 -25.93
CA THR B 50 -7.32 -8.83 -27.33
C THR B 50 -8.75 -8.44 -27.68
N GLY B 51 -9.46 -7.69 -26.82
CA GLY B 51 -10.86 -7.43 -27.04
C GLY B 51 -11.70 -8.43 -26.29
N CYS B 52 -13.00 -8.43 -26.58
CA CYS B 52 -13.91 -9.30 -25.85
C CYS B 52 -15.08 -9.65 -26.75
N GLN B 53 -15.62 -10.87 -26.60
CA GLN B 53 -16.91 -11.20 -27.21
C GLN B 53 -17.98 -10.50 -26.40
N THR B 54 -18.46 -9.37 -26.90
CA THR B 54 -19.32 -8.52 -26.06
C THR B 54 -20.75 -9.01 -25.98
N ASP B 55 -21.15 -9.96 -26.83
CA ASP B 55 -22.46 -10.60 -26.71
C ASP B 55 -22.37 -12.01 -26.12
N HIS B 56 -21.24 -12.37 -25.52
CA HIS B 56 -21.21 -13.62 -24.79
C HIS B 56 -22.28 -13.60 -23.71
N PRO B 57 -23.14 -14.61 -23.59
CA PRO B 57 -24.19 -14.55 -22.57
C PRO B 57 -23.69 -14.26 -21.17
N ASP B 58 -22.51 -14.74 -20.81
N ASP B 58 -22.52 -14.76 -20.80
CA ASP B 58 -21.98 -14.52 -19.47
CA ASP B 58 -22.03 -14.55 -19.45
C ASP B 58 -21.48 -13.11 -19.26
C ASP B 58 -21.40 -13.16 -19.26
N LEU B 59 -21.20 -12.39 -20.34
CA LEU B 59 -20.52 -11.10 -20.26
C LEU B 59 -21.36 -9.92 -20.73
N THR B 60 -22.44 -10.16 -21.47
CA THR B 60 -23.10 -9.05 -22.15
C THR B 60 -23.59 -7.98 -21.17
N ALA B 61 -24.09 -8.39 -20.00
CA ALA B 61 -24.60 -7.42 -19.03
C ALA B 61 -23.49 -6.67 -18.30
N ARG B 62 -22.24 -7.08 -18.49
CA ARG B 62 -21.10 -6.52 -17.78
C ARG B 62 -20.32 -5.50 -18.60
N ILE B 63 -20.57 -5.38 -19.89
CA ILE B 63 -19.74 -4.52 -20.74
C ILE B 63 -20.19 -3.07 -20.55
N ALA B 64 -19.29 -2.26 -20.00
CA ALA B 64 -19.59 -0.86 -19.78
C ALA B 64 -19.22 0.00 -20.98
N GLY B 65 -18.33 -0.47 -21.82
CA GLY B 65 -17.83 0.30 -22.94
C GLY B 65 -16.53 -0.33 -23.40
N GLY B 66 -15.89 0.34 -24.34
CA GLY B 66 -14.61 -0.14 -24.84
C GLY B 66 -14.14 0.69 -25.99
N ARG B 67 -12.90 0.43 -26.40
CA ARG B 67 -12.33 1.08 -27.55
C ARG B 67 -11.28 0.17 -28.16
N ASN B 68 -11.22 0.21 -29.49
CA ASN B 68 -10.25 -0.53 -30.27
C ASN B 68 -9.10 0.39 -30.62
N PHE B 69 -7.89 0.00 -30.22
CA PHE B 69 -6.65 0.68 -30.57
C PHE B 69 -5.80 -0.12 -31.54
N THR B 70 -6.34 -1.19 -32.13
CA THR B 70 -5.66 -1.99 -33.13
C THR B 70 -6.11 -1.60 -34.54
N HIS B 71 -5.51 -2.25 -35.53
CA HIS B 71 -5.92 -2.08 -36.92
C HIS B 71 -7.01 -3.07 -37.32
N ASP B 72 -7.47 -3.93 -36.41
CA ASP B 72 -8.56 -4.82 -36.74
C ASP B 72 -9.78 -4.00 -37.11
N ASP B 73 -10.61 -4.54 -37.98
CA ASP B 73 -11.87 -3.93 -38.36
C ASP B 73 -11.66 -2.50 -38.84
N GLY B 74 -10.66 -2.33 -39.70
CA GLY B 74 -10.37 -1.03 -40.27
C GLY B 74 -9.90 0.01 -39.28
N GLY B 75 -9.49 -0.42 -38.08
CA GLY B 75 -9.18 0.52 -37.02
C GLY B 75 -10.36 1.26 -36.46
N ASP B 76 -11.57 0.78 -36.69
CA ASP B 76 -12.78 1.44 -36.19
C ASP B 76 -12.71 1.40 -34.66
N PRO B 77 -12.61 2.54 -33.98
CA PRO B 77 -12.49 2.52 -32.51
C PRO B 77 -13.66 1.86 -31.82
N GLU B 78 -14.82 1.76 -32.45
CA GLU B 78 -16.03 1.25 -31.80
C GLU B 78 -16.24 -0.24 -32.03
N ARG B 79 -15.29 -0.92 -32.67
CA ARG B 79 -15.38 -2.35 -32.95
C ARG B 79 -14.22 -3.03 -32.22
N PHE B 80 -14.53 -3.68 -31.09
CA PHE B 80 -13.51 -4.22 -30.21
C PHE B 80 -13.79 -5.67 -29.81
N GLU B 81 -14.37 -6.44 -30.74
CA GLU B 81 -14.62 -7.85 -30.52
C GLU B 81 -13.29 -8.64 -30.48
N ASP B 82 -13.37 -9.83 -29.92
CA ASP B 82 -12.22 -10.72 -29.72
C ASP B 82 -12.15 -11.75 -30.84
N TYR B 83 -10.97 -11.88 -31.44
CA TYR B 83 -10.69 -12.90 -32.43
C TYR B 83 -9.71 -13.95 -31.93
N ASN B 84 -9.06 -13.70 -30.79
CA ASN B 84 -8.06 -14.57 -30.20
C ASN B 84 -8.63 -15.48 -29.12
N GLY B 85 -9.45 -14.91 -28.22
CA GLY B 85 -10.07 -15.61 -27.12
C GLY B 85 -9.51 -15.24 -25.76
N HIS B 86 -8.26 -14.83 -25.70
CA HIS B 86 -7.65 -14.56 -24.40
C HIS B 86 -8.35 -13.43 -23.65
N GLY B 87 -8.67 -12.33 -24.34
CA GLY B 87 -9.35 -11.22 -23.67
C GLY B 87 -10.71 -11.60 -23.13
N THR B 88 -11.45 -12.43 -23.87
CA THR B 88 -12.74 -12.93 -23.40
C THR B 88 -12.56 -13.78 -22.15
N HIS B 89 -11.53 -14.60 -22.12
CA HIS B 89 -11.25 -15.43 -20.95
C HIS B 89 -10.92 -14.57 -19.72
N VAL B 90 -10.05 -13.58 -19.88
CA VAL B 90 -9.76 -12.64 -18.79
C VAL B 90 -11.04 -12.03 -18.27
N ALA B 91 -11.86 -11.52 -19.18
CA ALA B 91 -13.09 -10.82 -18.79
C ALA B 91 -13.96 -11.68 -17.91
N GLY B 92 -14.08 -12.96 -18.25
CA GLY B 92 -14.94 -13.85 -17.48
C GLY B 92 -14.42 -14.16 -16.09
N THR B 93 -13.09 -14.25 -15.93
CA THR B 93 -12.56 -14.46 -14.59
C THR B 93 -12.82 -13.23 -13.72
N VAL B 94 -12.66 -12.03 -14.30
CA VAL B 94 -12.92 -10.82 -13.54
C VAL B 94 -14.37 -10.74 -13.10
N ALA B 95 -15.31 -10.95 -14.03
CA ALA B 95 -16.67 -10.49 -13.81
C ALA B 95 -17.77 -11.21 -14.60
N ALA B 96 -17.59 -12.48 -15.00
CA ALA B 96 -18.74 -13.16 -15.58
C ALA B 96 -19.94 -13.09 -14.64
N SER B 97 -21.11 -12.86 -15.22
CA SER B 97 -22.30 -12.60 -14.44
C SER B 97 -22.76 -13.82 -13.65
N LEU B 98 -23.45 -13.54 -12.55
CA LEU B 98 -24.16 -14.57 -11.80
C LEU B 98 -25.56 -14.64 -12.39
N ARG B 99 -25.83 -15.72 -13.12
CA ARG B 99 -27.10 -15.90 -13.80
C ARG B 99 -27.82 -17.12 -13.24
N ASP B 100 -29.12 -17.16 -13.49
CA ASP B 100 -29.89 -18.36 -13.16
C ASP B 100 -29.53 -19.49 -14.13
N GLU B 101 -29.35 -19.16 -15.40
CA GLU B 101 -28.84 -20.11 -16.37
C GLU B 101 -27.43 -20.54 -16.00
N GLU B 102 -27.15 -21.83 -16.20
CA GLU B 102 -25.82 -22.39 -16.03
C GLU B 102 -24.79 -21.83 -17.03
N GLY B 103 -23.90 -20.95 -16.57
CA GLY B 103 -22.71 -20.53 -17.31
C GLY B 103 -21.44 -20.62 -16.46
N VAL B 104 -20.65 -19.55 -16.40
N VAL B 104 -20.71 -19.52 -16.38
CA VAL B 104 -19.63 -19.38 -15.38
CA VAL B 104 -19.60 -19.36 -15.46
C VAL B 104 -19.95 -18.12 -14.59
C VAL B 104 -19.78 -18.03 -14.76
N VAL B 105 -19.19 -17.91 -13.53
N VAL B 105 -19.26 -17.91 -13.55
CA VAL B 105 -19.33 -16.72 -12.69
CA VAL B 105 -19.34 -16.69 -12.76
C VAL B 105 -17.92 -16.24 -12.36
C VAL B 105 -17.93 -16.24 -12.41
N GLY B 106 -17.70 -14.93 -12.41
CA GLY B 106 -16.41 -14.36 -12.10
C GLY B 106 -16.25 -13.97 -10.64
N VAL B 107 -15.09 -13.38 -10.36
CA VAL B 107 -14.76 -12.95 -9.01
C VAL B 107 -15.68 -11.83 -8.53
N ALA B 108 -16.03 -10.90 -9.41
CA ALA B 108 -16.82 -9.72 -9.07
C ALA B 108 -17.97 -9.60 -10.06
N PRO B 109 -19.02 -10.42 -9.90
CA PRO B 109 -20.02 -10.56 -10.98
C PRO B 109 -20.97 -9.39 -11.14
N LEU B 110 -20.93 -8.36 -10.28
CA LEU B 110 -21.65 -7.11 -10.56
C LEU B 110 -20.70 -5.99 -10.94
N ALA B 111 -19.39 -6.23 -10.97
CA ALA B 111 -18.49 -5.26 -11.57
C ALA B 111 -18.71 -5.26 -13.07
N ASP B 112 -18.42 -4.12 -13.70
CA ASP B 112 -18.46 -4.01 -15.15
C ASP B 112 -17.06 -3.94 -15.74
N LEU B 113 -17.01 -4.05 -17.06
CA LEU B 113 -15.77 -4.22 -17.80
C LEU B 113 -15.65 -3.13 -18.85
N LEU B 114 -14.45 -2.58 -18.95
CA LEU B 114 -14.10 -1.67 -20.03
C LEU B 114 -13.15 -2.43 -20.95
N VAL B 115 -13.59 -2.69 -22.18
CA VAL B 115 -12.84 -3.52 -23.11
C VAL B 115 -11.84 -2.63 -23.85
N VAL B 116 -10.57 -2.72 -23.47
CA VAL B 116 -9.54 -1.87 -24.05
C VAL B 116 -8.70 -2.75 -24.96
N LYS B 117 -9.05 -2.75 -26.25
CA LYS B 117 -8.47 -3.72 -27.19
C LYS B 117 -7.17 -3.13 -27.71
N VAL B 118 -6.05 -3.65 -27.24
CA VAL B 118 -4.74 -3.16 -27.62
C VAL B 118 -3.88 -4.20 -28.31
N LEU B 119 -4.35 -5.43 -28.46
CA LEU B 119 -3.59 -6.53 -29.04
C LEU B 119 -4.29 -7.10 -30.25
N ASP B 120 -3.48 -7.52 -31.23
CA ASP B 120 -3.97 -8.17 -32.44
C ASP B 120 -4.28 -9.64 -32.15
N LYS B 121 -4.71 -10.35 -33.20
CA LYS B 121 -5.19 -11.71 -33.04
C LYS B 121 -4.09 -12.64 -32.55
N GLU B 122 -2.83 -12.26 -32.75
CA GLU B 122 -1.68 -13.04 -32.30
C GLU B 122 -1.23 -12.65 -30.91
N GLY B 123 -1.92 -11.71 -30.26
CA GLY B 123 -1.54 -11.31 -28.93
C GLY B 123 -0.46 -10.26 -28.87
N SER B 124 -0.25 -9.51 -29.95
CA SER B 124 0.84 -8.56 -30.06
C SER B 124 0.29 -7.14 -30.20
N GLY B 125 1.04 -6.18 -29.65
CA GLY B 125 0.70 -4.79 -29.81
C GLY B 125 1.93 -3.92 -29.74
N SER B 126 1.75 -2.65 -30.06
CA SER B 126 2.85 -1.72 -29.99
C SER B 126 2.88 -1.03 -28.62
N TYR B 127 4.05 -0.49 -28.26
CA TYR B 127 4.09 0.36 -27.08
C TYR B 127 3.10 1.51 -27.19
N GLU B 128 3.00 2.13 -28.38
CA GLU B 128 2.01 3.20 -28.56
C GLU B 128 0.61 2.73 -28.22
N GLY B 129 0.26 1.50 -28.60
CA GLY B 129 -1.08 1.00 -28.35
C GLY B 129 -1.36 0.77 -26.88
N ILE B 130 -0.41 0.17 -26.15
CA ILE B 130 -0.62 -0.03 -24.72
C ILE B 130 -0.71 1.33 -24.01
N ILE B 131 0.15 2.27 -24.39
CA ILE B 131 0.10 3.60 -23.81
C ILE B 131 -1.27 4.23 -24.04
N ALA B 132 -1.75 4.15 -25.28
CA ALA B 132 -3.07 4.70 -25.60
C ALA B 132 -4.15 4.02 -24.78
N GLY B 133 -4.05 2.71 -24.60
CA GLY B 133 -5.05 2.00 -23.82
C GLY B 133 -5.08 2.40 -22.36
N ILE B 134 -3.90 2.62 -21.76
CA ILE B 134 -3.87 3.09 -20.38
C ILE B 134 -4.46 4.48 -20.26
N HIS B 135 -4.08 5.40 -21.15
CA HIS B 135 -4.68 6.73 -21.14
C HIS B 135 -6.20 6.65 -21.16
N TYR B 136 -6.73 5.86 -22.10
CA TYR B 136 -8.17 5.70 -22.24
C TYR B 136 -8.78 5.10 -20.99
N ALA B 137 -8.13 4.09 -20.42
CA ALA B 137 -8.65 3.48 -19.20
C ALA B 137 -8.78 4.51 -18.09
N ILE B 138 -7.80 5.42 -17.96
CA ILE B 138 -7.86 6.43 -16.90
C ILE B 138 -8.95 7.45 -17.18
N ASP B 139 -9.08 7.87 -18.44
CA ASP B 139 -9.84 9.06 -18.78
C ASP B 139 -11.27 8.77 -19.18
N TRP B 140 -11.59 7.55 -19.58
CA TRP B 140 -12.94 7.21 -19.97
C TRP B 140 -13.94 7.52 -18.86
N ARG B 141 -15.08 8.04 -19.26
CA ARG B 141 -16.19 8.23 -18.34
C ARG B 141 -17.46 7.72 -19.00
N GLY B 142 -18.20 6.89 -18.27
CA GLY B 142 -19.43 6.33 -18.74
C GLY B 142 -20.62 7.16 -18.33
N PRO B 143 -21.82 6.73 -18.75
CA PRO B 143 -22.98 7.64 -18.78
C PRO B 143 -23.55 8.08 -17.43
N GLU B 144 -23.30 7.35 -16.35
CA GLU B 144 -23.84 7.64 -15.01
C GLU B 144 -22.73 7.65 -13.96
N GLY B 145 -21.66 8.38 -14.25
CA GLY B 145 -20.56 8.46 -13.33
C GLY B 145 -19.61 7.28 -13.36
N GLN B 146 -19.81 6.33 -14.26
CA GLN B 146 -18.93 5.17 -14.27
C GLN B 146 -17.52 5.59 -14.69
N LYS B 147 -16.54 4.94 -14.07
CA LYS B 147 -15.14 5.18 -14.39
C LYS B 147 -14.36 3.94 -14.00
N THR B 148 -13.20 3.78 -14.65
CA THR B 148 -12.33 2.65 -14.30
C THR B 148 -11.88 2.74 -12.86
N THR B 149 -11.97 1.63 -12.16
CA THR B 149 -11.45 1.51 -10.80
C THR B 149 -10.28 0.52 -10.67
N VAL B 150 -10.02 -0.32 -11.67
CA VAL B 150 -8.90 -1.25 -11.69
C VAL B 150 -8.49 -1.42 -13.15
N ILE B 151 -7.17 -1.47 -13.41
CA ILE B 151 -6.63 -1.78 -14.75
C ILE B 151 -5.96 -3.16 -14.69
N SER B 152 -6.23 -4.02 -15.68
CA SER B 152 -5.71 -5.39 -15.69
C SER B 152 -5.00 -5.66 -17.01
N MET B 153 -3.77 -6.15 -16.91
CA MET B 153 -2.92 -6.47 -18.05
C MET B 153 -2.30 -7.85 -17.86
N SER B 154 -2.20 -8.60 -18.95
CA SER B 154 -1.57 -9.92 -18.98
C SER B 154 -0.49 -9.97 -20.06
N LEU B 155 0.38 -8.95 -20.08
CA LEU B 155 1.22 -8.68 -21.23
C LEU B 155 2.52 -8.03 -20.78
N GLY B 156 3.45 -7.89 -21.71
CA GLY B 156 4.65 -7.16 -21.40
C GLY B 156 5.55 -7.01 -22.61
N GLY B 157 6.46 -6.07 -22.49
CA GLY B 157 7.50 -5.83 -23.47
C GLY B 157 8.86 -5.78 -22.78
N PRO B 158 9.93 -5.87 -23.56
CA PRO B 158 11.25 -6.07 -22.96
C PRO B 158 11.88 -4.82 -22.38
N GLU B 159 11.51 -3.63 -22.83
CA GLU B 159 12.25 -2.42 -22.48
C GLU B 159 11.30 -1.35 -21.94
N ASP B 160 11.90 -0.36 -21.27
CA ASP B 160 11.16 0.76 -20.72
C ASP B 160 10.78 1.74 -21.83
N HIS B 161 9.83 2.60 -21.52
CA HIS B 161 9.40 3.64 -22.41
C HIS B 161 8.86 4.74 -21.48
N PRO B 162 9.35 5.97 -21.60
CA PRO B 162 8.92 7.02 -20.65
C PRO B 162 7.44 7.26 -20.63
N GLU B 163 6.75 7.15 -21.76
CA GLU B 163 5.32 7.39 -21.75
C GLU B 163 4.53 6.22 -21.16
N LEU B 164 5.08 5.01 -21.24
CA LEU B 164 4.46 3.88 -20.55
C LEU B 164 4.53 4.08 -19.04
N TYR B 165 5.70 4.46 -18.54
CA TYR B 165 5.81 4.76 -17.12
C TYR B 165 4.88 5.89 -16.72
N GLU B 166 4.89 6.99 -17.47
CA GLU B 166 4.07 8.13 -17.13
C GLU B 166 2.60 7.74 -17.05
N ALA B 167 2.14 6.91 -17.99
CA ALA B 167 0.75 6.49 -18.00
C ALA B 167 0.41 5.63 -16.79
N VAL B 168 1.28 4.68 -16.45
CA VAL B 168 1.07 3.86 -15.26
C VAL B 168 1.04 4.73 -14.00
N LYS B 169 1.98 5.67 -13.89
CA LYS B 169 2.03 6.53 -12.72
C LYS B 169 0.79 7.39 -12.64
N ARG B 170 0.31 7.89 -13.78
CA ARG B 170 -0.91 8.69 -13.76
C ARG B 170 -2.10 7.87 -13.30
N ALA B 171 -2.18 6.61 -13.69
CA ALA B 171 -3.27 5.75 -13.24
C ALA B 171 -3.24 5.58 -11.73
N VAL B 172 -2.09 5.19 -11.17
N VAL B 172 -2.08 5.20 -11.18
CA VAL B 172 -2.06 4.97 -9.72
CA VAL B 172 -1.98 4.97 -9.75
C VAL B 172 -2.27 6.28 -8.98
C VAL B 172 -2.25 6.26 -8.99
N ASP B 173 -1.76 7.38 -9.51
CA ASP B 173 -2.00 8.68 -8.87
C ASP B 173 -3.47 9.07 -8.90
N ALA B 174 -4.26 8.52 -9.83
CA ALA B 174 -5.71 8.71 -9.86
C ALA B 174 -6.44 7.73 -8.95
N GLY B 175 -5.73 6.89 -8.21
CA GLY B 175 -6.33 5.95 -7.31
C GLY B 175 -6.63 4.59 -7.93
N ILE B 176 -6.11 4.29 -9.11
CA ILE B 176 -6.45 3.08 -9.86
C ILE B 176 -5.33 2.08 -9.72
N PRO B 177 -5.54 0.91 -9.10
CA PRO B 177 -4.52 -0.14 -9.13
C PRO B 177 -4.28 -0.62 -10.55
N VAL B 178 -3.02 -0.90 -10.85
CA VAL B 178 -2.60 -1.39 -12.15
C VAL B 178 -2.00 -2.76 -11.93
N ILE B 179 -2.66 -3.80 -12.45
CA ILE B 179 -2.32 -5.20 -12.19
C ILE B 179 -1.69 -5.78 -13.45
N CYS B 180 -0.58 -6.49 -13.29
N CYS B 180 -0.55 -6.45 -13.28
CA CYS B 180 0.05 -7.13 -14.43
CA CYS B 180 0.13 -7.13 -14.38
C CYS B 180 0.59 -8.50 -14.04
C CYS B 180 0.48 -8.55 -13.98
N ALA B 181 0.45 -9.44 -14.97
CA ALA B 181 0.97 -10.78 -14.79
C ALA B 181 2.48 -10.78 -14.77
N ALA B 182 3.04 -11.62 -13.91
CA ALA B 182 4.46 -11.93 -13.99
C ALA B 182 4.74 -12.70 -15.26
N GLY B 183 5.96 -12.51 -15.77
CA GLY B 183 6.39 -13.17 -16.99
C GLY B 183 7.25 -14.37 -16.66
N ASP B 193 12.58 -11.97 -19.26
CA ASP B 193 12.96 -10.59 -19.53
C ASP B 193 12.13 -10.01 -20.68
N GLU B 194 11.59 -10.88 -21.52
CA GLU B 194 10.83 -10.46 -22.70
C GLU B 194 9.55 -9.72 -22.33
N PHE B 195 9.05 -9.89 -21.12
CA PHE B 195 7.78 -9.31 -20.70
C PHE B 195 7.97 -8.37 -19.51
N ALA B 196 9.16 -7.79 -19.38
CA ALA B 196 9.53 -7.09 -18.16
C ALA B 196 8.60 -5.92 -17.85
N TYR B 197 8.20 -5.14 -18.86
CA TYR B 197 7.48 -3.90 -18.64
C TYR B 197 6.05 -4.02 -19.16
N PRO B 198 5.05 -3.48 -18.45
CA PRO B 198 5.14 -2.59 -17.27
C PRO B 198 5.24 -3.29 -15.92
N GLY B 199 5.28 -4.62 -15.87
CA GLY B 199 5.27 -5.31 -14.59
C GLY B 199 6.41 -4.92 -13.66
N ALA B 200 7.55 -4.47 -14.22
CA ALA B 200 8.71 -4.13 -13.42
C ALA B 200 8.57 -2.82 -12.65
N TYR B 201 7.63 -1.95 -13.01
CA TYR B 201 7.53 -0.68 -12.32
C TYR B 201 7.11 -0.91 -10.88
N GLY B 202 7.66 -0.11 -9.96
CA GLY B 202 7.32 -0.26 -8.56
C GLY B 202 5.83 -0.13 -8.33
N GLU B 203 5.17 0.75 -9.08
CA GLU B 203 3.77 1.07 -8.87
C GLU B 203 2.84 -0.08 -9.21
N VAL B 204 3.26 -0.98 -10.09
CA VAL B 204 2.40 -2.03 -10.63
C VAL B 204 2.33 -3.20 -9.67
N ILE B 205 1.13 -3.76 -9.50
CA ILE B 205 0.93 -4.98 -8.71
C ILE B 205 1.17 -6.16 -9.63
N GLN B 206 2.22 -6.93 -9.36
CA GLN B 206 2.63 -8.02 -10.23
C GLN B 206 2.23 -9.35 -9.58
N VAL B 207 1.54 -10.18 -10.35
CA VAL B 207 0.86 -11.37 -9.83
C VAL B 207 1.51 -12.63 -10.39
N GLY B 208 1.91 -13.53 -9.49
CA GLY B 208 2.37 -14.85 -9.87
C GLY B 208 1.24 -15.86 -9.72
N ALA B 209 1.57 -17.12 -10.05
CA ALA B 209 0.56 -18.17 -10.15
C ALA B 209 0.92 -19.38 -9.29
N VAL B 210 -0.12 -20.02 -8.77
CA VAL B 210 -0.04 -21.36 -8.22
C VAL B 210 -1.04 -22.25 -8.94
N ASP B 211 -0.92 -23.55 -8.72
CA ASP B 211 -1.95 -24.49 -9.15
C ASP B 211 -2.90 -24.74 -7.98
N PHE B 212 -3.88 -25.62 -8.19
CA PHE B 212 -4.86 -25.87 -7.15
C PHE B 212 -4.32 -26.67 -5.99
N ASP B 213 -3.12 -27.25 -6.12
CA ASP B 213 -2.42 -27.84 -5.00
C ASP B 213 -1.60 -26.80 -4.23
N ARG B 214 -1.68 -25.54 -4.63
CA ARG B 214 -0.92 -24.44 -4.03
C ARG B 214 0.57 -24.55 -4.29
N ARG B 215 0.95 -25.21 -5.37
CA ARG B 215 2.35 -25.29 -5.78
C ARG B 215 2.67 -24.13 -6.70
N ILE B 216 3.89 -23.61 -6.55
CA ILE B 216 4.34 -22.49 -7.38
C ILE B 216 4.55 -23.01 -8.80
N ALA B 217 3.75 -22.53 -9.74
CA ALA B 217 3.89 -22.90 -11.15
C ALA B 217 5.13 -22.27 -11.77
N ASN B 223 13.70 -12.94 -12.41
CA ASN B 223 13.40 -11.65 -13.01
C ASN B 223 12.06 -11.06 -12.54
N ASN B 224 11.27 -11.87 -11.84
CA ASN B 224 9.97 -11.40 -11.35
C ASN B 224 10.13 -10.62 -10.05
N GLU B 225 9.17 -9.74 -9.80
CA GLU B 225 9.02 -9.01 -8.53
C GLU B 225 7.58 -9.22 -8.09
N ILE B 226 7.31 -10.35 -7.46
CA ILE B 226 5.96 -10.78 -7.15
C ILE B 226 5.41 -9.98 -5.98
N ASP B 227 4.14 -9.57 -6.09
CA ASP B 227 3.41 -9.03 -4.94
C ASP B 227 2.56 -10.07 -4.24
N LEU B 228 1.99 -11.02 -4.99
CA LEU B 228 1.14 -12.08 -4.44
C LEU B 228 0.90 -13.07 -5.57
N VAL B 229 0.29 -14.21 -5.23
CA VAL B 229 -0.04 -15.25 -6.19
C VAL B 229 -1.53 -15.55 -6.14
N ALA B 230 -2.02 -16.13 -7.23
CA ALA B 230 -3.41 -16.55 -7.34
C ALA B 230 -3.44 -17.75 -8.28
N PRO B 231 -4.57 -18.44 -8.36
CA PRO B 231 -4.61 -19.65 -9.21
C PRO B 231 -4.46 -19.35 -10.69
N GLY B 232 -3.64 -20.15 -11.36
CA GLY B 232 -3.41 -19.96 -12.78
C GLY B 232 -3.40 -21.20 -13.66
N ILE B 233 -3.67 -22.38 -13.10
CA ILE B 233 -3.58 -23.63 -13.84
C ILE B 233 -4.98 -24.22 -13.98
N ASN B 234 -5.35 -24.59 -15.21
CA ASN B 234 -6.64 -25.20 -15.49
C ASN B 234 -7.80 -24.31 -15.04
N ILE B 235 -7.74 -23.04 -15.47
CA ILE B 235 -8.72 -22.02 -15.11
C ILE B 235 -9.79 -21.98 -16.20
N TYR B 236 -11.01 -22.42 -15.87
CA TYR B 236 -12.14 -22.27 -16.77
C TYR B 236 -12.70 -20.86 -16.70
N SER B 237 -13.00 -20.31 -17.86
CA SER B 237 -13.67 -19.03 -17.98
C SER B 237 -14.39 -19.00 -19.33
N THR B 238 -14.97 -17.85 -19.65
CA THR B 238 -15.59 -17.62 -20.95
C THR B 238 -14.57 -17.69 -22.07
N TYR B 239 -15.05 -18.02 -23.27
CA TYR B 239 -14.21 -18.10 -24.46
C TYR B 239 -15.05 -17.72 -25.68
N LEU B 240 -14.41 -17.76 -26.85
CA LEU B 240 -15.06 -17.34 -28.08
C LEU B 240 -16.30 -18.17 -28.37
N GLU B 241 -17.20 -17.58 -29.15
CA GLU B 241 -18.39 -18.25 -29.69
C GLU B 241 -19.35 -18.67 -28.58
N GLY B 242 -19.38 -17.93 -27.47
CA GLY B 242 -20.27 -18.30 -26.39
C GLY B 242 -19.85 -19.54 -25.64
N LYS B 243 -18.62 -19.99 -25.82
CA LYS B 243 -18.14 -21.21 -25.20
C LYS B 243 -17.35 -20.87 -23.95
N TYR B 244 -16.68 -21.87 -23.41
CA TYR B 244 -15.84 -21.76 -22.23
C TYR B 244 -14.54 -22.48 -22.53
N ALA B 245 -13.48 -22.08 -21.83
CA ALA B 245 -12.19 -22.73 -22.04
C ALA B 245 -11.42 -22.75 -20.74
N SER B 246 -10.66 -23.82 -20.56
CA SER B 246 -9.69 -23.95 -19.49
C SER B 246 -8.31 -23.57 -20.03
N LEU B 247 -7.72 -22.53 -19.42
CA LEU B 247 -6.40 -22.04 -19.80
C LEU B 247 -5.45 -22.15 -18.61
N SER B 248 -4.18 -22.39 -18.91
CA SER B 248 -3.13 -22.50 -17.93
C SER B 248 -1.99 -21.58 -18.32
N GLY B 249 -1.52 -20.80 -17.36
CA GLY B 249 -0.40 -19.93 -17.61
C GLY B 249 -0.25 -19.00 -16.44
N THR B 250 0.94 -18.44 -16.27
CA THR B 250 1.12 -17.52 -15.16
C THR B 250 0.09 -16.43 -15.18
N SER B 251 -0.30 -15.95 -16.37
CA SER B 251 -1.19 -14.80 -16.46
C SER B 251 -2.66 -15.09 -16.14
N MET B 252 -3.10 -16.35 -16.08
CA MET B 252 -4.47 -16.60 -15.65
C MET B 252 -4.71 -16.19 -14.19
N ALA B 253 -3.65 -16.02 -13.41
CA ALA B 253 -3.81 -15.58 -12.03
C ALA B 253 -4.25 -14.12 -11.94
N THR B 254 -3.79 -13.29 -12.86
CA THR B 254 -3.97 -11.84 -12.77
C THR B 254 -5.44 -11.44 -12.69
N PRO B 255 -6.34 -11.93 -13.54
CA PRO B 255 -7.74 -11.50 -13.45
C PRO B 255 -8.39 -11.84 -12.12
N HIS B 256 -7.90 -12.87 -11.42
CA HIS B 256 -8.45 -13.13 -10.08
C HIS B 256 -8.17 -11.96 -9.16
N VAL B 257 -6.98 -11.38 -9.25
CA VAL B 257 -6.60 -10.25 -8.42
C VAL B 257 -7.36 -8.99 -8.84
N SER B 258 -7.48 -8.76 -10.15
CA SER B 258 -8.17 -7.57 -10.62
C SER B 258 -9.63 -7.57 -10.18
N GLY B 259 -10.31 -8.71 -10.33
CA GLY B 259 -11.68 -8.79 -9.84
C GLY B 259 -11.76 -8.68 -8.33
N ALA B 260 -10.81 -9.29 -7.63
CA ALA B 260 -10.83 -9.24 -6.17
C ALA B 260 -10.74 -7.82 -5.67
N LEU B 261 -9.97 -6.98 -6.37
CA LEU B 261 -9.85 -5.58 -5.94
C LEU B 261 -11.18 -4.83 -6.00
N ALA B 262 -12.08 -5.21 -6.91
CA ALA B 262 -13.41 -4.60 -6.89
C ALA B 262 -14.13 -4.92 -5.58
N LEU B 263 -14.03 -6.17 -5.13
CA LEU B 263 -14.65 -6.57 -3.87
C LEU B 263 -14.00 -5.86 -2.70
N ILE B 264 -12.67 -5.83 -2.69
CA ILE B 264 -11.92 -5.23 -1.59
C ILE B 264 -12.16 -3.74 -1.52
N ARG B 265 -12.21 -3.07 -2.66
CA ARG B 265 -12.49 -1.64 -2.65
C ARG B 265 -13.85 -1.36 -2.03
N ASN B 266 -14.87 -2.11 -2.42
CA ASN B 266 -16.20 -1.88 -1.89
C ASN B 266 -16.25 -2.06 -0.38
N ILE B 267 -15.73 -3.19 0.11
CA ILE B 267 -15.77 -3.47 1.53
C ILE B 267 -14.96 -2.45 2.31
N SER B 268 -13.75 -2.16 1.82
CA SER B 268 -12.84 -1.34 2.60
C SER B 268 -13.29 0.10 2.66
N GLU B 269 -13.81 0.64 1.55
CA GLU B 269 -14.30 2.01 1.61
C GLU B 269 -15.50 2.14 2.53
N ARG B 270 -16.34 1.11 2.62
CA ARG B 270 -17.43 1.13 3.58
C ARG B 270 -16.90 1.03 5.01
N GLU B 271 -16.02 0.07 5.29
CA GLU B 271 -15.55 -0.16 6.66
C GLU B 271 -14.74 1.02 7.19
N PHE B 272 -13.85 1.58 6.37
CA PHE B 272 -13.08 2.75 6.79
C PHE B 272 -13.86 4.04 6.63
N ASP B 273 -15.01 4.00 5.96
CA ASP B 273 -15.85 5.17 5.74
C ASP B 273 -15.06 6.31 5.11
N ARG B 274 -14.24 5.97 4.12
CA ARG B 274 -13.48 6.96 3.36
C ARG B 274 -13.12 6.37 2.02
N GLU B 275 -12.82 7.26 1.06
CA GLU B 275 -12.24 6.84 -0.20
C GLU B 275 -10.80 6.40 0.06
N LEU B 276 -10.42 5.25 -0.48
CA LEU B 276 -9.08 4.73 -0.28
C LEU B 276 -8.14 5.18 -1.40
N THR B 277 -6.91 5.49 -1.04
CA THR B 277 -5.85 5.68 -2.02
C THR B 277 -5.45 4.34 -2.61
N GLU B 278 -4.72 4.38 -3.72
CA GLU B 278 -4.24 3.15 -4.33
C GLU B 278 -3.35 2.37 -3.36
N ALA B 279 -2.55 3.06 -2.57
CA ALA B 279 -1.68 2.35 -1.62
C ALA B 279 -2.51 1.60 -0.59
N GLU B 280 -3.62 2.19 -0.15
CA GLU B 280 -4.51 1.50 0.79
C GLU B 280 -5.19 0.31 0.16
N LEU B 281 -5.61 0.44 -1.10
CA LEU B 281 -6.20 -0.72 -1.79
C LEU B 281 -5.17 -1.83 -1.88
N TYR B 282 -3.93 -1.49 -2.22
CA TYR B 282 -2.87 -2.49 -2.23
C TYR B 282 -2.68 -3.15 -0.87
N ALA B 283 -2.65 -2.34 0.19
CA ALA B 283 -2.48 -2.89 1.53
C ALA B 283 -3.64 -3.82 1.89
N GLN B 284 -4.88 -3.45 1.53
CA GLN B 284 -6.01 -4.31 1.85
C GLN B 284 -5.99 -5.59 1.04
N LEU B 285 -5.42 -5.55 -0.17
CA LEU B 285 -5.19 -6.76 -0.94
C LEU B 285 -4.20 -7.67 -0.25
N VAL B 286 -3.03 -7.13 0.15
CA VAL B 286 -2.02 -8.02 0.71
C VAL B 286 -2.34 -8.43 2.14
N ARG B 287 -3.23 -7.71 2.84
CA ARG B 287 -3.78 -8.23 4.10
C ARG B 287 -4.63 -9.46 3.87
N ARG B 288 -5.22 -9.59 2.69
CA ARG B 288 -6.06 -10.72 2.33
C ARG B 288 -5.27 -11.74 1.53
N THR B 289 -4.15 -12.16 2.11
CA THR B 289 -3.33 -13.24 1.60
C THR B 289 -2.96 -14.19 2.73
N ILE B 290 -2.62 -15.41 2.37
CA ILE B 290 -2.04 -16.33 3.35
C ILE B 290 -0.66 -16.76 2.87
N PRO B 291 0.32 -16.86 3.75
CA PRO B 291 1.61 -17.39 3.32
C PRO B 291 1.45 -18.84 2.96
N LEU B 292 2.23 -19.27 1.98
CA LEU B 292 2.22 -20.66 1.56
C LEU B 292 3.43 -21.45 2.06
N GLY B 293 4.42 -20.79 2.64
CA GLY B 293 5.62 -21.45 3.10
C GLY B 293 6.78 -21.40 2.13
N TYR B 294 6.68 -20.64 1.05
CA TYR B 294 7.76 -20.44 0.11
C TYR B 294 8.42 -19.10 0.38
N PRO B 295 9.61 -18.86 -0.17
CA PRO B 295 10.23 -17.53 0.00
C PRO B 295 9.39 -16.44 -0.65
N LYS B 296 9.52 -15.23 -0.10
CA LYS B 296 8.77 -14.09 -0.61
C LYS B 296 9.19 -13.72 -2.04
N THR B 297 10.39 -14.11 -2.46
CA THR B 297 10.76 -13.91 -3.85
C THR B 297 9.90 -14.75 -4.78
N ALA B 298 9.38 -15.89 -4.31
CA ALA B 298 8.55 -16.78 -5.12
C ALA B 298 7.06 -16.48 -4.99
N GLU B 299 6.58 -16.25 -3.77
CA GLU B 299 5.14 -16.08 -3.53
C GLU B 299 4.74 -14.65 -3.18
N GLY B 300 5.70 -13.73 -3.08
CA GLY B 300 5.36 -12.40 -2.62
C GLY B 300 4.76 -12.48 -1.23
N ASN B 301 3.61 -11.83 -1.06
CA ASN B 301 2.91 -11.83 0.22
C ASN B 301 2.09 -13.09 0.44
N GLY B 302 2.01 -13.96 -0.55
CA GLY B 302 1.29 -15.21 -0.42
C GLY B 302 0.12 -15.31 -1.35
N LEU B 303 -0.77 -16.24 -1.06
CA LEU B 303 -1.90 -16.57 -1.91
C LEU B 303 -3.10 -15.72 -1.54
N LEU B 304 -3.74 -15.14 -2.55
CA LEU B 304 -4.97 -14.41 -2.34
C LEU B 304 -5.96 -15.27 -1.58
N ALA B 305 -6.49 -14.71 -0.47
CA ALA B 305 -7.33 -15.44 0.47
C ALA B 305 -8.28 -14.40 1.07
N LEU B 306 -9.42 -14.22 0.40
CA LEU B 306 -10.19 -13.00 0.64
C LEU B 306 -10.90 -12.99 1.98
N ASP B 307 -11.23 -14.15 2.55
CA ASP B 307 -12.00 -14.22 3.78
C ASP B 307 -11.11 -14.38 5.01
N ILE B 308 -9.83 -14.09 4.89
CA ILE B 308 -8.86 -14.44 5.92
C ILE B 308 -9.07 -13.64 7.20
N LEU B 309 -9.58 -12.41 7.09
CA LEU B 309 -9.75 -11.57 8.27
C LEU B 309 -11.00 -11.92 9.06
N ASN B 310 -11.79 -12.88 8.60
CA ASN B 310 -13.04 -13.23 9.28
C ASN B 310 -12.88 -14.53 10.08
#